data_7HGS
#
_entry.id   7HGS
#
_cell.length_a   41.660
_cell.length_b   42.170
_cell.length_c   159.280
_cell.angle_alpha   90.00
_cell.angle_beta   90.00
_cell.angle_gamma   90.00
#
_symmetry.space_group_name_H-M   'P 21 21 21'
#
loop_
_entity.id
_entity.type
_entity.pdbx_description
1 polymer 'Hepatoma-derived growth factor-related protein 2'
2 non-polymer 'SULFATE ION'
3 non-polymer 1,2-ETHANEDIOL
4 non-polymer (2R)-2-ethyl-N,N-dimethylmorpholine-4-sulfonamide
5 water water
#
_entity_poly.entity_id   1
_entity_poly.type   'polypeptide(L)'
_entity_poly.pdbx_seq_one_letter_code
;GMPHAFKPGDLVFAKMKGYPHWPARIDDIADGAVKPPPNKYPIFFFGTHETAFLGPKDLFPYDKSKDKYGKPNKRKGFNE
GLWEIQNNPHASYS
;
_entity_poly.pdbx_strand_id   A,B,C
#
loop_
_chem_comp.id
_chem_comp.type
_chem_comp.name
_chem_comp.formula
A1AMX non-polymer (2R)-2-ethyl-N,N-dimethylmorpholine-4-sulfonamide 'C8 H18 N2 O3 S'
EDO non-polymer 1,2-ETHANEDIOL 'C2 H6 O2'
SO4 non-polymer 'SULFATE ION' 'O4 S -2'
#
# COMPACT_ATOMS: atom_id res chain seq x y z
N MET A 2 0.30 -27.15 8.04
CA MET A 2 -0.50 -26.48 9.10
C MET A 2 -0.28 -24.96 9.09
N PRO A 3 -1.32 -24.17 9.47
CA PRO A 3 -1.22 -22.70 9.55
C PRO A 3 -0.14 -22.18 10.49
N HIS A 4 0.47 -21.06 10.12
CA HIS A 4 1.32 -20.32 11.02
C HIS A 4 0.50 -19.15 11.54
N ALA A 5 1.11 -18.37 12.41
CA ALA A 5 0.51 -17.09 12.74
C ALA A 5 0.56 -16.15 11.53
N PHE A 6 -0.32 -15.16 11.57
CA PHE A 6 -0.32 -14.11 10.57
C PHE A 6 1.04 -13.39 10.53
N LYS A 7 1.46 -13.05 9.29
CA LYS A 7 2.67 -12.24 9.12
C LYS A 7 2.42 -11.16 8.07
N PRO A 8 3.23 -10.10 8.06
CA PRO A 8 3.14 -9.10 6.98
C PRO A 8 3.19 -9.72 5.58
N GLY A 9 2.32 -9.24 4.68
CA GLY A 9 2.23 -9.74 3.32
C GLY A 9 1.06 -10.73 3.14
N ASP A 10 0.61 -11.34 4.24
CA ASP A 10 -0.53 -12.25 4.12
C ASP A 10 -1.81 -11.56 3.62
N LEU A 11 -2.57 -12.26 2.76
CA LEU A 11 -3.73 -11.72 2.05
C LEU A 11 -4.96 -12.28 2.78
N VAL A 12 -5.93 -11.40 3.02
CA VAL A 12 -7.11 -11.82 3.79
C VAL A 12 -8.35 -11.13 3.27
N PHE A 13 -9.51 -11.62 3.74
CA PHE A 13 -10.68 -10.76 3.85
C PHE A 13 -10.77 -10.36 5.31
N ALA A 14 -10.95 -9.04 5.57
CA ALA A 14 -10.95 -8.55 6.96
C ALA A 14 -12.37 -8.04 7.28
N LYS A 15 -12.93 -8.40 8.47
CA LYS A 15 -14.31 -8.05 8.80
C LYS A 15 -14.34 -6.92 9.82
N MET A 16 -15.06 -5.84 9.48
CA MET A 16 -15.45 -4.89 10.50
C MET A 16 -16.96 -4.72 10.55
N LYS A 17 -17.45 -4.35 11.74
CA LYS A 17 -18.88 -4.19 11.95
C LYS A 17 -19.45 -3.26 10.91
N GLY A 18 -20.57 -3.64 10.28
CA GLY A 18 -21.23 -2.72 9.36
C GLY A 18 -20.66 -2.79 7.95
N TYR A 19 -19.62 -3.61 7.77
CA TYR A 19 -19.03 -3.71 6.46
C TYR A 19 -18.95 -5.16 6.05
N PRO A 20 -19.02 -5.44 4.73
CA PRO A 20 -18.88 -6.81 4.21
C PRO A 20 -17.40 -7.19 4.44
N HIS A 21 -17.14 -8.48 4.52
CA HIS A 21 -15.77 -9.00 4.57
C HIS A 21 -14.98 -8.42 3.37
N TRP A 22 -13.79 -7.82 3.64
CA TRP A 22 -13.22 -6.83 2.71
C TRP A 22 -11.82 -7.27 2.29
N PRO A 23 -11.46 -7.22 0.99
CA PRO A 23 -10.11 -7.64 0.57
C PRO A 23 -9.05 -6.77 1.26
N ALA A 24 -8.01 -7.40 1.83
CA ALA A 24 -7.06 -6.64 2.63
C ALA A 24 -5.77 -7.43 2.79
N ARG A 25 -4.75 -6.74 3.33
CA ARG A 25 -3.52 -7.45 3.60
C ARG A 25 -2.99 -7.08 4.99
N ILE A 26 -2.17 -7.99 5.56
CA ILE A 26 -1.42 -7.60 6.76
C ILE A 26 -0.25 -6.74 6.32
N ASP A 27 -0.15 -5.52 6.85
CA ASP A 27 0.89 -4.59 6.45
C ASP A 27 2.11 -4.75 7.36
N ASP A 28 3.23 -4.21 6.85
CA ASP A 28 4.41 -3.98 7.67
C ASP A 28 4.19 -2.68 8.46
N ILE A 29 4.97 -2.48 9.49
CA ILE A 29 4.96 -1.21 10.21
C ILE A 29 6.28 -0.56 9.81
N ALA A 30 6.23 0.64 9.20
CA ALA A 30 7.47 1.32 8.81
C ALA A 30 8.24 1.79 10.05
N ASP A 31 9.56 1.86 9.91
CA ASP A 31 10.37 2.56 10.91
C ASP A 31 9.69 3.88 11.24
N GLY A 32 9.57 4.18 12.55
CA GLY A 32 9.03 5.45 13.01
C GLY A 32 7.50 5.55 13.03
N ALA A 33 6.83 4.55 12.43
CA ALA A 33 5.37 4.50 12.37
C ALA A 33 4.74 4.03 13.69
N VAL A 34 3.47 4.45 13.90
CA VAL A 34 2.67 4.05 15.05
C VAL A 34 2.39 2.54 15.04
N LYS A 35 2.79 1.85 16.10
CA LYS A 35 2.62 0.39 16.23
C LYS A 35 1.19 0.06 16.64
N PRO A 36 0.68 -1.16 16.35
CA PRO A 36 -0.68 -1.50 16.76
C PRO A 36 -0.70 -1.82 18.24
N PRO A 37 -1.90 -1.92 18.85
CA PRO A 37 -2.02 -2.47 20.21
C PRO A 37 -1.59 -3.93 20.28
N PRO A 38 -1.30 -4.49 21.47
CA PRO A 38 -1.00 -5.92 21.61
C PRO A 38 -2.12 -6.80 21.05
N ASN A 39 -1.71 -7.90 20.42
CA ASN A 39 -2.58 -8.87 19.81
C ASN A 39 -3.30 -8.31 18.58
N LYS A 40 -2.90 -7.12 18.08
CA LYS A 40 -3.57 -6.57 16.90
C LYS A 40 -2.57 -6.45 15.74
N TYR A 41 -3.11 -6.51 14.53
CA TYR A 41 -2.28 -6.43 13.33
C TYR A 41 -2.70 -5.17 12.58
N PRO A 42 -1.77 -4.55 11.78
CA PRO A 42 -2.15 -3.43 10.91
C PRO A 42 -2.71 -4.01 9.63
N ILE A 43 -3.97 -3.66 9.36
CA ILE A 43 -4.66 -4.20 8.20
C ILE A 43 -4.81 -3.09 7.19
N PHE A 44 -4.26 -3.34 5.98
CA PHE A 44 -4.53 -2.38 4.94
C PHE A 44 -5.65 -2.91 4.06
N PHE A 45 -6.65 -2.06 3.86
CA PHE A 45 -7.86 -2.41 3.11
C PHE A 45 -7.67 -1.98 1.66
N PHE A 46 -7.74 -2.95 0.74
CA PHE A 46 -7.61 -2.63 -0.68
C PHE A 46 -8.81 -1.80 -1.13
N GLY A 47 -8.60 -1.00 -2.17
CA GLY A 47 -9.67 -0.17 -2.72
C GLY A 47 -9.81 1.15 -1.95
N THR A 48 -10.18 1.07 -0.67
CA THR A 48 -10.27 2.28 0.15
C THR A 48 -8.89 2.80 0.53
N HIS A 49 -7.92 1.88 0.64
CA HIS A 49 -6.55 2.20 1.05
C HIS A 49 -6.49 2.75 2.48
N GLU A 50 -7.43 2.29 3.32
CA GLU A 50 -7.42 2.67 4.72
C GLU A 50 -6.84 1.56 5.60
N THR A 51 -6.47 1.93 6.84
CA THR A 51 -5.73 1.06 7.76
C THR A 51 -6.58 1.00 9.03
N ALA A 52 -6.82 -0.20 9.53
CA ALA A 52 -7.32 -0.38 10.88
C ALA A 52 -6.55 -1.47 11.58
N PHE A 53 -6.72 -1.57 12.90
CA PHE A 53 -6.04 -2.58 13.67
C PHE A 53 -7.02 -3.67 14.08
N LEU A 54 -6.73 -4.91 13.69
CA LEU A 54 -7.69 -5.99 13.92
C LEU A 54 -6.93 -7.20 14.45
N GLY A 55 -7.69 -8.02 15.21
CA GLY A 55 -7.17 -9.30 15.69
C GLY A 55 -7.65 -10.44 14.77
N PRO A 56 -7.03 -11.64 14.95
CA PRO A 56 -7.29 -12.80 14.10
C PRO A 56 -8.73 -13.23 13.96
N LYS A 57 -9.54 -12.91 14.96
CA LYS A 57 -10.96 -13.30 14.86
C LYS A 57 -11.68 -12.65 13.67
N ASP A 58 -11.13 -11.52 13.14
CA ASP A 58 -11.73 -10.77 12.06
C ASP A 58 -10.95 -10.97 10.75
N LEU A 59 -10.01 -11.93 10.74
CA LEU A 59 -9.13 -12.12 9.57
C LEU A 59 -9.35 -13.50 8.94
N PHE A 60 -9.80 -13.51 7.68
CA PHE A 60 -10.07 -14.76 6.94
C PHE A 60 -9.03 -14.94 5.85
N PRO A 61 -8.21 -16.00 5.86
CA PRO A 61 -7.18 -16.13 4.80
C PRO A 61 -7.81 -16.11 3.41
N TYR A 62 -7.24 -15.32 2.46
CA TYR A 62 -7.85 -15.08 1.17
C TYR A 62 -8.07 -16.35 0.32
N ASP A 63 -7.09 -17.27 0.25
CA ASP A 63 -7.23 -18.41 -0.65
C ASP A 63 -8.44 -19.25 -0.23
N LYS A 64 -8.54 -19.56 1.08
CA LYS A 64 -9.69 -20.33 1.58
C LYS A 64 -11.02 -19.62 1.34
N SER A 65 -11.06 -18.27 1.40
CA SER A 65 -12.31 -17.53 1.57
C SER A 65 -12.80 -16.82 0.31
N LYS A 66 -12.01 -16.84 -0.76
CA LYS A 66 -12.36 -15.98 -1.90
C LYS A 66 -13.62 -16.46 -2.65
N ASP A 67 -13.90 -17.77 -2.63
N ASP A 67 -13.88 -17.77 -2.64
CA ASP A 67 -15.10 -18.25 -3.29
CA ASP A 67 -15.11 -18.26 -3.27
C ASP A 67 -16.35 -17.65 -2.64
C ASP A 67 -16.31 -17.53 -2.65
N LYS A 68 -16.30 -17.44 -1.32
CA LYS A 68 -17.43 -16.94 -0.58
C LYS A 68 -17.50 -15.41 -0.60
N TYR A 69 -16.34 -14.73 -0.45
CA TYR A 69 -16.39 -13.30 -0.19
C TYR A 69 -15.88 -12.46 -1.38
N GLY A 70 -15.31 -13.11 -2.38
CA GLY A 70 -14.70 -12.42 -3.53
C GLY A 70 -15.69 -12.22 -4.69
N LYS A 71 -16.74 -11.45 -4.44
CA LYS A 71 -17.76 -11.14 -5.42
C LYS A 71 -18.03 -9.64 -5.37
N PRO A 72 -18.44 -8.98 -6.47
CA PRO A 72 -18.65 -7.54 -6.43
C PRO A 72 -19.66 -7.11 -5.39
N ASN A 73 -19.47 -5.90 -4.87
CA ASN A 73 -20.29 -5.34 -3.82
C ASN A 73 -20.44 -3.86 -4.15
N LYS A 74 -21.58 -3.28 -3.78
CA LYS A 74 -21.90 -1.93 -4.19
C LYS A 74 -21.09 -0.89 -3.43
N ARG A 75 -20.47 -1.29 -2.30
CA ARG A 75 -19.84 -0.32 -1.40
C ARG A 75 -18.61 0.33 -2.06
N LYS A 76 -18.41 1.61 -1.76
CA LYS A 76 -17.31 2.44 -2.23
C LYS A 76 -15.97 1.74 -2.04
N GLY A 77 -15.32 1.45 -3.17
CA GLY A 77 -13.94 1.01 -3.20
C GLY A 77 -13.85 -0.51 -3.21
N PHE A 78 -14.96 -1.23 -3.08
CA PHE A 78 -14.83 -2.68 -2.95
C PHE A 78 -14.29 -3.33 -4.23
N ASN A 79 -14.88 -2.98 -5.36
CA ASN A 79 -14.53 -3.69 -6.59
C ASN A 79 -13.09 -3.33 -6.99
N GLU A 80 -12.68 -2.06 -6.79
CA GLU A 80 -11.27 -1.70 -6.94
C GLU A 80 -10.44 -2.63 -6.05
N GLY A 81 -10.91 -2.78 -4.83
CA GLY A 81 -10.20 -3.66 -3.88
C GLY A 81 -10.03 -5.09 -4.37
N LEU A 82 -11.07 -5.66 -4.99
CA LEU A 82 -10.98 -6.99 -5.55
C LEU A 82 -9.92 -7.05 -6.65
N TRP A 83 -9.78 -5.97 -7.45
CA TRP A 83 -8.79 -5.99 -8.50
C TRP A 83 -7.40 -6.03 -7.87
N GLU A 84 -7.20 -5.21 -6.84
CA GLU A 84 -5.89 -5.03 -6.25
C GLU A 84 -5.42 -6.33 -5.64
N ILE A 85 -6.29 -7.01 -4.87
CA ILE A 85 -5.82 -8.20 -4.15
C ILE A 85 -5.52 -9.35 -5.13
N GLN A 86 -6.23 -9.42 -6.28
CA GLN A 86 -5.98 -10.43 -7.31
C GLN A 86 -4.76 -10.10 -8.18
N ASN A 87 -4.56 -8.81 -8.51
CA ASN A 87 -3.63 -8.41 -9.55
C ASN A 87 -2.33 -7.78 -9.09
N ASN A 88 -2.31 -7.08 -7.96
CA ASN A 88 -1.08 -6.47 -7.47
C ASN A 88 -1.20 -6.27 -5.96
N PRO A 89 -1.30 -7.38 -5.21
CA PRO A 89 -1.59 -7.26 -3.77
C PRO A 89 -0.42 -6.79 -2.93
N HIS A 90 0.82 -6.73 -3.48
CA HIS A 90 1.98 -6.34 -2.70
C HIS A 90 2.62 -5.01 -3.19
N ALA A 91 1.83 -4.25 -3.94
CA ALA A 91 2.33 -2.98 -4.46
C ALA A 91 2.24 -1.89 -3.40
N SER A 92 2.94 -0.77 -3.66
CA SER A 92 2.76 0.45 -2.89
C SER A 92 1.48 1.17 -3.35
N TYR A 93 0.55 1.42 -2.40
CA TYR A 93 -0.69 2.13 -2.68
C TYR A 93 -0.72 3.47 -1.97
N SER A 94 0.40 3.86 -1.36
CA SER A 94 0.59 5.19 -0.80
C SER A 94 0.45 6.24 -1.92
N MET B 2 38.17 20.44 9.97
CA MET B 2 37.96 21.56 10.94
C MET B 2 36.93 21.10 11.98
N PRO B 3 37.16 21.35 13.29
CA PRO B 3 36.10 21.15 14.29
C PRO B 3 34.88 21.99 13.92
N HIS B 4 33.68 21.48 14.26
CA HIS B 4 32.43 22.17 13.98
C HIS B 4 31.64 22.30 15.28
N ALA B 5 30.51 23.03 15.25
CA ALA B 5 29.72 23.15 16.46
C ALA B 5 29.41 21.76 16.99
N PHE B 6 29.01 20.89 16.06
CA PHE B 6 28.81 19.48 16.36
C PHE B 6 29.98 18.63 15.89
N LYS B 7 30.40 17.70 16.75
CA LYS B 7 31.48 16.78 16.43
C LYS B 7 30.97 15.34 16.37
N PRO B 8 31.64 14.47 15.60
CA PRO B 8 31.36 13.04 15.57
C PRO B 8 31.27 12.42 16.96
N GLY B 9 30.18 11.67 17.19
CA GLY B 9 29.92 11.07 18.48
C GLY B 9 29.06 11.92 19.42
N ASP B 10 28.78 13.20 19.08
CA ASP B 10 27.87 13.97 19.90
C ASP B 10 26.46 13.35 19.86
N LEU B 11 25.79 13.40 21.00
CA LEU B 11 24.50 12.73 21.09
C LEU B 11 23.43 13.81 21.00
N VAL B 12 22.29 13.51 20.33
CA VAL B 12 21.29 14.55 20.05
C VAL B 12 19.91 13.90 20.09
N PHE B 13 18.86 14.74 20.10
CA PHE B 13 17.63 14.33 19.46
C PHE B 13 17.53 15.09 18.15
N ALA B 14 17.13 14.35 17.09
CA ALA B 14 17.06 14.87 15.74
C ALA B 14 15.60 14.87 15.27
N LYS B 15 15.19 15.99 14.66
CA LYS B 15 13.80 16.20 14.30
C LYS B 15 13.61 16.09 12.79
N MET B 16 12.67 15.22 12.40
CA MET B 16 12.22 15.01 11.03
C MET B 16 10.73 15.34 10.95
N LYS B 17 10.31 15.92 9.82
CA LYS B 17 8.89 16.20 9.61
C LYS B 17 8.09 14.89 9.70
N GLY B 18 7.05 14.91 10.55
CA GLY B 18 6.17 13.78 10.73
C GLY B 18 6.56 12.86 11.89
N TYR B 19 7.66 13.14 12.59
CA TYR B 19 8.11 12.22 13.63
C TYR B 19 8.51 13.02 14.87
N PRO B 20 8.45 12.40 16.07
CA PRO B 20 8.92 13.06 17.30
C PRO B 20 10.43 13.23 17.27
N HIS B 21 10.95 14.24 18.00
CA HIS B 21 12.40 14.38 18.22
C HIS B 21 13.02 13.02 18.57
N TRP B 22 14.07 12.61 17.86
CA TRP B 22 14.43 11.18 17.84
C TRP B 22 15.85 10.99 18.37
N PRO B 23 16.12 10.03 19.29
CA PRO B 23 17.48 9.85 19.85
C PRO B 23 18.42 9.51 18.68
N ALA B 24 19.59 10.17 18.65
CA ALA B 24 20.43 10.06 17.47
C ALA B 24 21.84 10.51 17.85
N ARG B 25 22.78 10.21 16.94
CA ARG B 25 24.17 10.68 17.10
C ARG B 25 24.66 11.32 15.82
N ILE B 26 25.66 12.22 15.96
CA ILE B 26 26.38 12.67 14.78
C ILE B 26 27.39 11.58 14.44
N ASP B 27 27.45 11.24 13.15
CA ASP B 27 28.41 10.27 12.64
C ASP B 27 29.58 10.98 11.94
N ASP B 28 30.68 10.24 11.73
N ASP B 28 30.68 10.24 11.70
CA ASP B 28 31.78 10.62 10.85
CA ASP B 28 31.80 10.71 10.88
C ASP B 28 31.29 10.60 9.41
C ASP B 28 31.50 10.32 9.43
N ILE B 29 32.18 10.96 8.48
CA ILE B 29 31.86 10.89 7.06
C ILE B 29 32.57 9.70 6.38
N VAL B 34 29.79 9.73 -0.45
CA VAL B 34 28.90 10.92 -0.38
C VAL B 34 29.25 11.69 0.89
N LYS B 35 29.23 13.02 0.81
CA LYS B 35 29.43 13.87 1.98
C LYS B 35 28.17 14.72 2.16
N PRO B 36 27.89 15.24 3.40
CA PRO B 36 26.65 15.98 3.64
C PRO B 36 26.52 17.18 2.71
N PRO B 37 25.30 17.64 2.39
CA PRO B 37 25.16 18.94 1.74
C PRO B 37 25.71 20.01 2.68
N PRO B 38 26.08 21.20 2.12
CA PRO B 38 26.47 22.36 2.93
C PRO B 38 25.58 22.57 4.16
N ASN B 39 26.22 22.83 5.32
CA ASN B 39 25.50 23.20 6.53
C ASN B 39 24.97 21.99 7.30
N LYS B 40 25.02 20.78 6.73
CA LYS B 40 24.38 19.62 7.34
C LYS B 40 25.39 18.59 7.86
N TYR B 41 24.92 17.67 8.70
CA TYR B 41 25.73 16.63 9.33
C TYR B 41 25.15 15.27 8.98
N PRO B 42 25.97 14.19 8.96
CA PRO B 42 25.46 12.82 8.88
C PRO B 42 24.89 12.43 10.23
N ILE B 43 23.58 12.09 10.26
CA ILE B 43 22.88 11.63 11.46
C ILE B 43 22.60 10.13 11.42
N PHE B 44 22.82 9.45 12.54
CA PHE B 44 22.41 8.06 12.73
C PHE B 44 21.31 8.06 13.78
N PHE B 45 20.14 7.49 13.44
CA PHE B 45 19.02 7.39 14.36
C PHE B 45 19.08 6.06 15.09
N PHE B 46 19.08 6.16 16.43
CA PHE B 46 19.08 4.97 17.26
C PHE B 46 17.75 4.23 17.08
N GLY B 47 17.78 2.92 17.29
CA GLY B 47 16.55 2.11 17.25
C GLY B 47 16.25 1.65 15.84
N THR B 48 16.00 2.60 14.92
CA THR B 48 15.68 2.33 13.54
C THR B 48 16.97 1.98 12.79
N HIS B 49 18.06 2.59 13.25
CA HIS B 49 19.38 2.50 12.63
C HIS B 49 19.36 3.09 11.23
N GLU B 50 18.47 4.03 10.95
CA GLU B 50 18.52 4.71 9.68
C GLU B 50 19.46 5.93 9.78
N THR B 51 19.70 6.51 8.62
CA THR B 51 20.58 7.68 8.47
C THR B 51 19.88 8.75 7.65
N ALA B 52 20.29 10.02 7.86
CA ALA B 52 19.90 11.15 7.03
C ALA B 52 20.88 12.30 7.25
N PHE B 53 20.72 13.34 6.44
CA PHE B 53 21.51 14.55 6.60
C PHE B 53 20.59 15.62 7.17
N LEU B 54 21.03 16.26 8.27
CA LEU B 54 20.23 17.30 8.92
C LEU B 54 21.11 18.51 9.26
N GLY B 55 20.47 19.69 9.31
CA GLY B 55 21.14 20.94 9.69
C GLY B 55 20.90 21.23 11.18
N PRO B 56 21.68 22.12 11.81
CA PRO B 56 21.53 22.41 13.24
C PRO B 56 20.15 22.79 13.76
N LYS B 57 19.29 23.35 12.89
CA LYS B 57 17.97 23.77 13.34
C LYS B 57 17.17 22.55 13.87
N ASP B 58 17.53 21.34 13.41
CA ASP B 58 16.79 20.12 13.71
C ASP B 58 17.60 19.23 14.69
N LEU B 59 18.68 19.78 15.29
CA LEU B 59 19.51 18.99 16.17
C LEU B 59 19.57 19.61 17.56
N PHE B 60 19.22 18.82 18.55
CA PHE B 60 19.04 19.27 19.93
C PHE B 60 20.00 18.48 20.82
N PRO B 61 21.05 19.11 21.38
CA PRO B 61 21.95 18.36 22.27
C PRO B 61 21.24 17.49 23.32
N TYR B 62 21.74 16.24 23.50
CA TYR B 62 20.99 15.25 24.23
C TYR B 62 20.91 15.58 25.71
N ASP B 63 22.05 16.03 26.29
CA ASP B 63 22.06 16.36 27.71
C ASP B 63 21.04 17.45 28.04
N LYS B 64 21.08 18.55 27.29
CA LYS B 64 20.16 19.64 27.54
C LYS B 64 18.70 19.21 27.34
N SER B 65 18.44 18.27 26.42
CA SER B 65 17.04 18.11 26.01
C SER B 65 16.41 16.76 26.39
N LYS B 66 17.12 15.88 27.13
CA LYS B 66 16.61 14.53 27.36
C LYS B 66 15.36 14.47 28.25
N ASP B 67 15.19 15.41 29.18
CA ASP B 67 14.02 15.27 30.03
C ASP B 67 12.77 15.72 29.24
N LYS B 68 12.97 16.53 28.20
CA LYS B 68 11.89 16.98 27.36
C LYS B 68 11.53 15.91 26.32
N TYR B 69 12.54 15.38 25.59
CA TYR B 69 12.23 14.61 24.38
C TYR B 69 12.42 13.11 24.63
N GLY B 70 12.91 12.75 25.82
CA GLY B 70 13.38 11.38 26.04
C GLY B 70 12.32 10.49 26.68
N LYS B 71 11.03 10.73 26.42
CA LYS B 71 9.96 9.92 26.96
C LYS B 71 9.60 8.83 25.97
N PRO B 72 9.30 7.59 26.45
CA PRO B 72 8.86 6.52 25.56
C PRO B 72 7.58 6.87 24.80
N ASN B 73 7.46 6.28 23.60
CA ASN B 73 6.21 6.41 22.85
C ASN B 73 5.97 5.12 22.06
N LYS B 74 4.96 5.14 21.19
CA LYS B 74 4.59 3.91 20.50
C LYS B 74 5.04 3.91 19.04
N ARG B 75 6.00 4.78 18.65
CA ARG B 75 6.60 4.73 17.32
C ARG B 75 7.64 3.61 17.26
N LYS B 76 7.55 2.79 16.20
CA LYS B 76 8.46 1.69 15.98
C LYS B 76 9.93 2.16 16.01
N GLY B 77 10.71 1.52 16.89
CA GLY B 77 12.15 1.80 17.00
C GLY B 77 12.44 2.83 18.08
N PHE B 78 11.45 3.62 18.52
CA PHE B 78 11.76 4.72 19.44
C PHE B 78 12.29 4.22 20.80
N ASN B 79 11.61 3.30 21.45
CA ASN B 79 12.04 2.85 22.77
C ASN B 79 13.38 2.11 22.68
N GLU B 80 13.56 1.33 21.62
CA GLU B 80 14.85 0.70 21.36
C GLU B 80 15.92 1.79 21.30
N GLY B 81 15.60 2.90 20.61
CA GLY B 81 16.55 4.00 20.39
C GLY B 81 16.88 4.69 21.70
N LEU B 82 15.91 4.78 22.61
CA LEU B 82 16.20 5.33 23.94
C LEU B 82 17.17 4.42 24.70
N TRP B 83 17.00 3.09 24.56
CA TRP B 83 17.93 2.15 25.15
C TRP B 83 19.34 2.35 24.64
N GLU B 84 19.50 2.49 23.31
CA GLU B 84 20.80 2.57 22.69
C GLU B 84 21.52 3.86 23.09
N ILE B 85 20.82 4.99 23.11
CA ILE B 85 21.54 6.25 23.34
C ILE B 85 22.05 6.30 24.78
N GLN B 86 21.34 5.62 25.68
CA GLN B 86 21.64 5.54 27.09
C GLN B 86 22.74 4.52 27.33
N ASN B 87 22.67 3.36 26.68
CA ASN B 87 23.47 2.21 27.15
C ASN B 87 24.67 1.92 26.26
N ASN B 88 24.63 2.29 24.98
CA ASN B 88 25.74 2.00 24.08
C ASN B 88 25.68 2.92 22.87
N PRO B 89 25.76 4.25 23.12
CA PRO B 89 25.62 5.22 22.03
C PRO B 89 26.67 5.17 20.92
N HIS B 90 27.88 4.61 21.24
CA HIS B 90 29.01 4.66 20.33
C HIS B 90 29.32 3.30 19.67
N ALA B 91 28.38 2.36 19.80
CA ALA B 91 28.51 1.04 19.20
C ALA B 91 28.37 1.07 17.67
N SER B 92 28.91 0.00 17.04
CA SER B 92 28.59 -0.34 15.67
C SER B 92 27.25 -1.05 15.64
N TYR B 93 26.31 -0.49 14.86
CA TYR B 93 24.97 -0.99 14.57
C TYR B 93 24.90 -1.45 13.11
N SER B 94 26.05 -1.31 12.41
CA SER B 94 26.39 -1.82 11.08
C SER B 94 25.19 -2.32 10.28
N ALA C 5 -9.69 -10.40 -36.71
CA ALA C 5 -10.05 -11.72 -36.17
C ALA C 5 -10.84 -11.58 -34.87
N PHE C 6 -12.16 -11.36 -34.96
CA PHE C 6 -12.99 -11.39 -33.76
C PHE C 6 -14.23 -12.22 -34.04
N LYS C 7 -14.43 -13.29 -33.28
CA LYS C 7 -15.62 -14.12 -33.35
C LYS C 7 -16.44 -13.83 -32.09
N PRO C 8 -17.73 -14.20 -32.03
CA PRO C 8 -18.49 -14.04 -30.78
C PRO C 8 -17.73 -14.69 -29.62
N GLY C 9 -17.84 -14.09 -28.42
CA GLY C 9 -17.27 -14.65 -27.21
C GLY C 9 -15.88 -14.11 -26.88
N ASP C 10 -15.18 -13.60 -27.91
CA ASP C 10 -13.85 -13.03 -27.80
C ASP C 10 -13.81 -11.89 -26.79
N LEU C 11 -12.76 -11.85 -25.96
CA LEU C 11 -12.69 -10.87 -24.89
C LEU C 11 -11.79 -9.74 -25.33
N VAL C 12 -12.20 -8.49 -25.03
CA VAL C 12 -11.55 -7.32 -25.57
C VAL C 12 -11.58 -6.18 -24.54
N PHE C 13 -10.76 -5.15 -24.81
CA PHE C 13 -11.02 -3.78 -24.35
C PHE C 13 -11.58 -2.99 -25.54
N ALA C 14 -12.67 -2.25 -25.31
CA ALA C 14 -13.40 -1.59 -26.38
C ALA C 14 -13.42 -0.09 -26.12
N LYS C 15 -13.05 0.70 -27.14
CA LYS C 15 -12.86 2.13 -26.94
C LYS C 15 -13.96 2.88 -27.66
N MET C 16 -14.70 3.68 -26.87
CA MET C 16 -15.72 4.63 -27.36
C MET C 16 -15.28 6.06 -27.05
N LYS C 17 -15.70 7.01 -27.88
CA LYS C 17 -15.40 8.40 -27.57
C LYS C 17 -16.09 8.75 -26.25
N GLY C 18 -15.30 9.34 -25.35
CA GLY C 18 -15.81 9.85 -24.08
C GLY C 18 -15.64 8.86 -22.93
N TYR C 19 -14.96 7.72 -23.18
CA TYR C 19 -14.89 6.65 -22.17
C TYR C 19 -13.51 6.03 -22.24
N PRO C 20 -12.96 5.56 -21.12
CA PRO C 20 -11.69 4.83 -21.19
C PRO C 20 -11.84 3.49 -21.92
N HIS C 21 -10.71 2.89 -22.27
CA HIS C 21 -10.77 1.54 -22.84
C HIS C 21 -11.49 0.62 -21.85
N TRP C 22 -12.52 -0.08 -22.34
CA TRP C 22 -13.50 -0.69 -21.46
C TRP C 22 -13.50 -2.21 -21.59
N PRO C 23 -13.53 -3.00 -20.48
CA PRO C 23 -13.56 -4.46 -20.61
C PRO C 23 -14.88 -4.89 -21.24
N ALA C 24 -14.80 -5.76 -22.26
CA ALA C 24 -15.98 -6.13 -23.04
C ALA C 24 -15.80 -7.49 -23.71
N ARG C 25 -16.86 -7.94 -24.41
CA ARG C 25 -16.71 -9.08 -25.31
C ARG C 25 -17.51 -8.83 -26.60
N ILE C 26 -17.17 -9.63 -27.62
CA ILE C 26 -17.91 -9.67 -28.87
C ILE C 26 -19.14 -10.54 -28.67
N ASP C 27 -20.30 -10.02 -29.08
CA ASP C 27 -21.53 -10.81 -29.14
C ASP C 27 -21.65 -11.52 -30.50
N LYS C 35 -28.76 -5.66 -38.38
CA LYS C 35 -27.37 -6.15 -38.59
C LYS C 35 -26.35 -5.04 -38.25
N PRO C 37 -24.11 -2.03 -38.47
CA PRO C 37 -23.68 -1.20 -39.59
C PRO C 37 -22.48 -1.86 -40.27
N PRO C 38 -22.16 -1.48 -41.53
CA PRO C 38 -21.04 -2.06 -42.26
C PRO C 38 -19.74 -2.08 -41.48
N ASN C 39 -19.18 -3.29 -41.35
CA ASN C 39 -17.87 -3.53 -40.78
C ASN C 39 -17.84 -3.24 -39.27
N LYS C 40 -18.99 -3.33 -38.59
CA LYS C 40 -18.99 -3.16 -37.14
C LYS C 40 -19.39 -4.45 -36.44
N TYR C 41 -18.85 -4.62 -35.23
CA TYR C 41 -19.12 -5.75 -34.36
C TYR C 41 -20.07 -5.32 -33.26
N PRO C 42 -20.96 -6.24 -32.82
CA PRO C 42 -21.79 -6.05 -31.63
C PRO C 42 -20.89 -6.29 -30.41
N ILE C 43 -20.85 -5.28 -29.54
CA ILE C 43 -20.03 -5.33 -28.33
C ILE C 43 -20.93 -5.33 -27.10
N PHE C 44 -20.53 -6.11 -26.07
CA PHE C 44 -21.22 -6.06 -24.78
C PHE C 44 -20.18 -5.61 -23.75
N PHE C 45 -20.58 -4.63 -22.93
CA PHE C 45 -19.66 -3.99 -22.00
C PHE C 45 -19.84 -4.61 -20.63
N PHE C 46 -18.74 -5.14 -20.08
CA PHE C 46 -18.81 -5.63 -18.72
C PHE C 46 -19.08 -4.49 -17.73
N GLY C 47 -19.72 -4.83 -16.60
CA GLY C 47 -19.92 -3.84 -15.56
C GLY C 47 -21.19 -3.03 -15.80
N THR C 48 -21.23 -2.27 -16.89
CA THR C 48 -22.45 -1.53 -17.20
C THR C 48 -23.47 -2.48 -17.85
N HIS C 49 -22.99 -3.55 -18.53
CA HIS C 49 -23.83 -4.50 -19.25
C HIS C 49 -24.62 -3.84 -20.40
N GLU C 50 -24.06 -2.78 -20.98
CA GLU C 50 -24.66 -2.15 -22.15
C GLU C 50 -24.05 -2.70 -23.45
N THR C 51 -24.70 -2.38 -24.59
CA THR C 51 -24.22 -2.77 -25.92
C THR C 51 -24.04 -1.57 -26.84
N ALA C 52 -23.18 -1.74 -27.86
CA ALA C 52 -22.92 -0.77 -28.92
C ALA C 52 -22.43 -1.45 -30.19
N LEU C 54 -19.16 -1.34 -32.75
CA LEU C 54 -17.81 -0.73 -32.88
C LEU C 54 -17.02 -1.40 -33.99
N GLY C 55 -16.17 -0.61 -34.63
CA GLY C 55 -15.22 -1.12 -35.61
C GLY C 55 -13.94 -1.70 -35.00
N PRO C 56 -13.19 -2.48 -35.81
CA PRO C 56 -12.05 -3.24 -35.32
C PRO C 56 -10.93 -2.36 -34.78
N LYS C 57 -10.89 -1.12 -35.27
CA LYS C 57 -9.93 -0.13 -34.83
C LYS C 57 -10.12 0.16 -33.34
N ASP C 58 -11.36 -0.06 -32.85
CA ASP C 58 -11.73 0.34 -31.50
C ASP C 58 -11.59 -0.81 -30.49
N LEU C 59 -11.05 -1.96 -30.92
CA LEU C 59 -11.11 -3.18 -30.14
C LEU C 59 -9.70 -3.75 -29.98
N PHE C 60 -9.40 -4.24 -28.76
CA PHE C 60 -8.08 -4.74 -28.39
C PHE C 60 -8.22 -6.10 -27.69
N PRO C 61 -7.56 -7.19 -28.16
CA PRO C 61 -7.72 -8.48 -27.49
C PRO C 61 -7.28 -8.41 -26.04
N TYR C 62 -8.11 -9.03 -25.19
CA TYR C 62 -8.04 -8.93 -23.73
C TYR C 62 -6.67 -9.39 -23.24
N ASP C 63 -6.20 -10.53 -23.74
CA ASP C 63 -4.98 -11.09 -23.14
C ASP C 63 -3.77 -10.26 -23.52
N LYS C 64 -3.79 -9.72 -24.74
CA LYS C 64 -2.67 -8.97 -25.28
C LYS C 64 -2.59 -7.59 -24.63
N SER C 65 -3.72 -7.07 -24.14
CA SER C 65 -3.70 -5.63 -23.82
C SER C 65 -4.04 -5.35 -22.35
N LYS C 66 -4.32 -6.39 -21.56
CA LYS C 66 -4.76 -6.15 -20.19
C LYS C 66 -3.68 -5.51 -19.34
N ASP C 67 -2.40 -5.74 -19.65
CA ASP C 67 -1.30 -5.09 -18.94
C ASP C 67 -1.44 -3.56 -18.98
N LYS C 68 -1.98 -3.04 -20.10
CA LYS C 68 -2.10 -1.63 -20.31
C LYS C 68 -3.48 -1.08 -19.88
N TYR C 69 -4.56 -1.78 -20.24
CA TYR C 69 -5.89 -1.20 -19.99
C TYR C 69 -6.54 -1.80 -18.74
N GLY C 70 -6.05 -2.94 -18.26
CA GLY C 70 -6.79 -3.57 -17.18
C GLY C 70 -6.24 -3.07 -15.85
N LYS C 71 -6.61 -1.84 -15.57
CA LYS C 71 -6.24 -1.15 -14.35
C LYS C 71 -7.49 -0.42 -13.90
N PRO C 72 -7.71 -0.27 -12.57
CA PRO C 72 -8.92 0.36 -12.07
C PRO C 72 -9.12 1.77 -12.58
N ASN C 73 -10.39 2.16 -12.56
CA ASN C 73 -10.64 3.58 -12.57
C ASN C 73 -12.03 3.81 -12.01
N LYS C 74 -12.36 5.10 -11.87
CA LYS C 74 -13.48 5.50 -11.05
C LYS C 74 -14.76 5.60 -11.88
N ARG C 75 -14.68 5.41 -13.22
CA ARG C 75 -15.90 5.48 -14.01
C ARG C 75 -16.94 4.44 -13.58
N LYS C 76 -18.22 4.87 -13.62
CA LYS C 76 -19.35 4.05 -13.25
C LYS C 76 -19.30 2.68 -13.91
N GLY C 77 -19.24 1.65 -13.06
CA GLY C 77 -19.39 0.26 -13.50
C GLY C 77 -18.06 -0.37 -13.93
N PHE C 78 -16.97 0.40 -13.96
CA PHE C 78 -15.72 -0.03 -14.59
C PHE C 78 -15.10 -1.21 -13.81
N ASN C 79 -14.98 -1.00 -12.49
CA ASN C 79 -14.23 -1.97 -11.71
C ASN C 79 -15.01 -3.28 -11.59
N GLU C 80 -16.33 -3.18 -11.54
CA GLU C 80 -17.11 -4.39 -11.60
C GLU C 80 -16.90 -5.09 -12.94
N GLY C 81 -16.81 -4.29 -14.03
CA GLY C 81 -16.44 -4.84 -15.33
C GLY C 81 -15.14 -5.62 -15.29
N LEU C 82 -14.12 -5.05 -14.64
CA LEU C 82 -12.83 -5.71 -14.55
C LEU C 82 -12.95 -7.06 -13.82
N TRP C 83 -13.80 -7.09 -12.78
CA TRP C 83 -14.04 -8.34 -12.05
C TRP C 83 -14.67 -9.38 -13.00
N GLU C 84 -15.65 -8.92 -13.80
CA GLU C 84 -16.41 -9.84 -14.64
C GLU C 84 -15.55 -10.46 -15.75
N ILE C 85 -14.65 -9.66 -16.34
CA ILE C 85 -13.87 -10.11 -17.47
C ILE C 85 -12.79 -11.14 -17.07
N GLN C 86 -12.29 -11.01 -15.83
CA GLN C 86 -11.31 -11.95 -15.32
C GLN C 86 -11.96 -13.18 -14.68
N ASN C 87 -13.14 -13.03 -14.12
CA ASN C 87 -13.66 -14.03 -13.18
C ASN C 87 -14.92 -14.72 -13.70
N ASN C 88 -15.64 -14.11 -14.65
CA ASN C 88 -16.94 -14.64 -15.05
C ASN C 88 -17.30 -14.11 -16.43
N PRO C 89 -16.40 -14.25 -17.44
CA PRO C 89 -16.54 -13.54 -18.71
C PRO C 89 -17.66 -14.01 -19.64
N HIS C 90 -18.23 -15.19 -19.35
CA HIS C 90 -19.23 -15.75 -20.24
C HIS C 90 -20.55 -16.01 -19.51
N ALA C 91 -20.81 -15.28 -18.43
CA ALA C 91 -22.12 -15.28 -17.81
C ALA C 91 -23.08 -14.42 -18.64
N SER C 92 -24.35 -14.36 -18.21
CA SER C 92 -25.46 -13.85 -19.01
C SER C 92 -25.75 -12.37 -18.70
N TYR C 93 -25.74 -12.04 -17.41
CA TYR C 93 -26.11 -10.71 -16.94
C TYR C 93 -27.48 -10.33 -17.54
S SO4 D . -20.95 3.68 0.63
O1 SO4 D . -20.35 4.91 1.12
O2 SO4 D . -20.06 2.57 0.87
O3 SO4 D . -22.21 3.45 1.30
O4 SO4 D . -21.18 3.79 -0.78
S SO4 E . -22.67 -6.56 10.33
O1 SO4 E . -21.73 -6.10 11.30
O2 SO4 E . -22.38 -7.94 9.98
O3 SO4 E . -24.00 -6.47 10.86
O4 SO4 E . -22.57 -5.75 9.14
C1 EDO F . 0.09 0.88 1.00
O1 EDO F . 1.31 0.76 0.27
C2 EDO F . 0.27 0.98 2.49
O2 EDO F . 0.63 -0.26 3.07
S SO4 G . -15.35 0.49 -6.69
O1 SO4 G . -13.97 0.16 -6.59
O2 SO4 G . -15.56 1.79 -6.07
O3 SO4 G . -15.72 0.55 -8.09
O4 SO4 G . -16.16 -0.48 -5.99
S SO4 H . 10.80 -0.58 19.78
O1 SO4 H . 11.85 0.38 19.63
O2 SO4 H . 10.07 -0.30 20.99
O3 SO4 H . 9.87 -0.55 18.66
O4 SO4 H . 11.49 -1.87 19.86
S SO4 I . 5.57 17.35 12.66
O1 SO4 I . 6.64 17.07 11.74
O2 SO4 I . 5.34 18.78 12.64
O3 SO4 I . 4.38 16.66 12.25
O4 SO4 I . 5.92 16.93 13.99
N1 A1AMX J . 12.78 8.33 11.76
C4 A1AMX J . 12.14 7.81 9.01
C5 A1AMX J . 12.13 7.47 7.54
C6 A1AMX J . 11.53 8.16 12.48
C7 A1AMX J . 13.62 9.41 12.26
N A1AMX J . 13.45 7.43 9.56
C A1AMX J . 15.36 9.83 5.58
O A1AMX J . 13.39 7.82 6.95
C1 A1AMX J . 15.45 9.00 6.85
C2 A1AMX J . 14.18 8.77 7.66
C3 A1AMX J . 14.57 8.21 9.02
O1 A1AMX J . 14.74 6.86 11.62
O2 A1AMX J . 12.48 5.99 11.23
S A1AMX J . 13.44 7.03 11.09
C1 EDO K . -19.31 2.73 -20.82
O1 EDO K . -19.83 3.35 -19.66
C2 EDO K . -19.60 1.25 -20.98
O2 EDO K . -20.95 0.89 -21.17
S SO4 L . -10.20 10.34 -26.87
O1 SO4 L . -8.79 10.41 -27.16
O2 SO4 L . -10.42 9.44 -25.77
O3 SO4 L . -10.69 11.65 -26.52
O4 SO4 L . -10.91 9.85 -28.03
#